data_3G6D
#
_entry.id   3G6D
#
_cell.length_a   66.540
_cell.length_b   68.030
_cell.length_c   182.350
_cell.angle_alpha   90.00
_cell.angle_beta   90.00
_cell.angle_gamma   90.00
#
_symmetry.space_group_name_H-M   'P 21 21 21'
#
loop_
_entity.id
_entity.type
_entity.pdbx_description
1 polymer 'CNTO607 Fab Light chain'
2 polymer 'CNTO607 Fab Heavy chain'
3 polymer Interleukin-13
4 non-polymer 'SULFATE ION'
#
loop_
_entity_poly.entity_id
_entity_poly.type
_entity_poly.pdbx_seq_one_letter_code
_entity_poly.pdbx_strand_id
1 'polypeptide(L)'
;SYELTQPPSVSVAPGQTARISCSGDNIGGTFVSWYQQKPGQAPVLVIYDDNDRPSGIPERFSGSNSGNTATLTISGTQAE
DEADYYCGTWDMVTNNVFGGGTKLTVLGQPKAAPSVTLFPPSSEELQANKATLVCLISDFYPGAVTVAWKADSSPVKAGV
ETTTPSKQSNNKYAASSYLSLTPEQWKSHRSYSCQVTHEGSTVEKTVAPTECS
;
L
2 'polypeptide(L)'
;QVQLVESGGGLVQPGGSLRLSCAASGFTFNSYWINWVRQAPGKGLEWVSGIAYDSSNTLYADSVKGRFTISRDNSKNTLY
LQMNSLRAEDTAVYYCARGLGAFHWDMQPDYWGQGTLVTVSSASTKGPSVFPLAPSSKSTSGGTAALGCLVKDYFPEPVT
VSWNSGALTSGVHTFPAVLQSSGLYSLSSVVTVPSSSLGTQTYICNVNHKPSNTKVDKKVEPKSCDKTH
;
H
3 'polypeptide(L)'
;MGPVPPSTALRELIEELVNITQNQKAPLCNGSMVWSINLTAGMYCAALESLINVSGCSAIEKTQRMLSGFCPHKVSAGQF
SSLHVRDTKIEVAQFVKDLLLHLKKLFREGRFN
;
A
#
# COMPACT_ATOMS: atom_id res chain seq x y z
N SER A 1 0.23 -21.22 -9.37
CA SER A 1 0.40 -21.41 -10.83
C SER A 1 1.49 -20.48 -11.38
N TYR A 2 1.09 -19.27 -11.76
CA TYR A 2 2.02 -18.23 -12.19
C TYR A 2 2.37 -17.35 -10.98
N GLU A 3 3.65 -17.30 -10.64
CA GLU A 3 4.12 -16.45 -9.55
C GLU A 3 5.41 -15.69 -9.89
N LEU A 4 5.40 -14.41 -9.57
CA LEU A 4 6.53 -13.51 -9.82
C LEU A 4 7.37 -13.44 -8.56
N THR A 5 8.69 -13.45 -8.72
CA THR A 5 9.57 -13.40 -7.55
C THR A 5 10.59 -12.26 -7.60
N GLN A 6 10.76 -11.61 -6.44
CA GLN A 6 11.69 -10.51 -6.27
C GLN A 6 12.66 -10.83 -5.11
N PRO A 7 13.91 -10.33 -5.19
CA PRO A 7 14.77 -10.43 -4.00
C PRO A 7 14.21 -9.47 -2.93
N PRO A 8 14.21 -9.91 -1.66
CA PRO A 8 13.42 -9.22 -0.65
C PRO A 8 14.10 -8.00 -0.06
N SER A 9 15.28 -7.65 -0.57
CA SER A 9 16.03 -6.51 -0.04
C SER A 9 17.06 -6.03 -1.04
N VAL A 10 17.26 -4.72 -1.11
CA VAL A 10 18.35 -4.13 -1.93
C VAL A 10 18.90 -2.84 -1.33
N SER A 11 20.22 -2.72 -1.30
CA SER A 11 20.90 -1.56 -0.73
C SER A 11 21.67 -0.81 -1.79
N VAL A 12 21.60 0.51 -1.80
CA VAL A 12 22.47 1.34 -2.64
C VAL A 12 23.00 2.53 -1.87
N ALA A 13 24.22 2.94 -2.18
CA ALA A 13 24.75 4.23 -1.72
C ALA A 13 23.97 5.34 -2.41
N PRO A 14 23.82 6.50 -1.74
CA PRO A 14 22.90 7.53 -2.30
C PRO A 14 23.45 8.14 -3.58
N GLY A 15 22.55 8.50 -4.49
CA GLY A 15 22.95 9.08 -5.78
C GLY A 15 23.26 8.04 -6.84
N GLN A 16 24.05 7.03 -6.46
CA GLN A 16 24.38 5.87 -7.30
C GLN A 16 23.10 5.03 -7.57
N THR A 17 23.01 4.46 -8.78
CA THR A 17 21.77 3.83 -9.29
C THR A 17 21.35 2.46 -8.65
N ALA A 18 20.03 2.20 -8.65
CA ALA A 18 19.44 1.02 -8.00
C ALA A 18 18.61 0.14 -8.95
N ARG A 19 18.74 -1.18 -8.81
CA ARG A 19 18.06 -2.11 -9.72
C ARG A 19 17.23 -3.20 -9.03
N ILE A 20 15.94 -3.24 -9.35
CA ILE A 20 15.05 -4.23 -8.77
C ILE A 20 14.48 -5.14 -9.84
N SER A 21 14.71 -6.44 -9.65
CA SER A 21 14.32 -7.48 -10.60
C SER A 21 13.04 -8.21 -10.19
N CYS A 22 12.21 -8.53 -11.16
CA CYS A 22 10.99 -9.31 -10.94
C CYS A 22 11.02 -10.43 -11.95
N SER A 23 10.97 -11.67 -11.48
CA SER A 23 11.12 -12.81 -12.37
C SER A 23 9.90 -13.71 -12.46
N GLY A 24 9.77 -14.35 -13.62
CA GLY A 24 8.70 -15.30 -13.89
C GLY A 24 8.79 -15.75 -15.33
N ASP A 25 8.27 -16.95 -15.59
CA ASP A 25 8.33 -17.55 -16.92
C ASP A 25 7.53 -16.72 -17.93
N ASN A 26 8.20 -16.27 -18.98
CA ASN A 26 7.58 -15.44 -20.05
C ASN A 26 6.94 -14.16 -19.51
N ILE A 27 7.69 -13.45 -18.68
CA ILE A 27 7.21 -12.22 -18.07
C ILE A 27 7.19 -11.12 -19.12
N GLY A 28 8.13 -11.21 -20.07
CA GLY A 28 8.19 -10.27 -21.18
C GLY A 28 6.92 -10.33 -21.99
N GLY A 29 6.19 -11.43 -21.84
CA GLY A 29 4.95 -11.64 -22.58
C GLY A 29 3.77 -10.84 -22.06
N THR A 30 3.93 -10.21 -20.90
CA THR A 30 2.85 -9.42 -20.30
C THR A 30 3.33 -8.01 -19.96
N PHE A 31 2.45 -7.23 -19.34
CA PHE A 31 2.79 -5.88 -18.92
C PHE A 31 3.09 -5.83 -17.42
N VAL A 32 4.19 -5.17 -17.09
CA VAL A 32 4.63 -5.13 -15.72
C VAL A 32 4.39 -3.74 -15.15
N SER A 33 3.72 -3.70 -13.99
CA SER A 33 3.58 -2.48 -13.23
C SER A 33 4.47 -2.57 -12.00
N TRP A 34 4.95 -1.43 -11.54
CA TRP A 34 5.75 -1.34 -10.32
C TRP A 34 5.11 -0.39 -9.31
N TYR A 35 4.91 -0.90 -8.10
CA TYR A 35 4.30 -0.11 -7.03
C TYR A 35 5.28 0.15 -5.90
N GLN A 36 5.19 1.35 -5.34
CA GLN A 36 6.00 1.77 -4.21
C GLN A 36 5.08 1.85 -3.00
N GLN A 37 5.47 1.19 -1.92
CA GLN A 37 4.71 1.27 -0.68
C GLN A 37 5.61 1.59 0.49
N LYS A 38 5.34 2.72 1.12
CA LYS A 38 6.08 3.13 2.31
C LYS A 38 5.30 2.70 3.56
N PRO A 39 6.02 2.35 4.65
CA PRO A 39 5.45 1.96 5.94
C PRO A 39 4.12 2.64 6.28
N GLY A 40 3.06 1.84 6.45
CA GLY A 40 1.76 2.36 6.88
C GLY A 40 0.98 3.15 5.85
N GLN A 41 1.43 3.08 4.60
CA GLN A 41 0.73 3.75 3.50
C GLN A 41 0.27 2.73 2.48
N ALA A 42 -0.72 3.12 1.68
CA ALA A 42 -1.18 2.28 0.58
C ALA A 42 -0.13 2.33 -0.54
N PRO A 43 -0.11 1.32 -1.43
CA PRO A 43 0.90 1.36 -2.47
C PRO A 43 0.58 2.39 -3.54
N VAL A 44 1.60 3.10 -4.01
CA VAL A 44 1.49 4.06 -5.10
C VAL A 44 2.13 3.44 -6.34
N LEU A 45 1.54 3.66 -7.51
CA LEU A 45 2.12 3.15 -8.76
C LEU A 45 3.25 4.06 -9.21
N VAL A 46 4.34 3.48 -9.70
CA VAL A 46 5.44 4.29 -10.25
C VAL A 46 5.72 3.96 -11.73
N ILE A 47 5.40 2.73 -12.12
CA ILE A 47 5.56 2.26 -13.50
C ILE A 47 4.39 1.37 -13.89
N TYR A 48 3.93 1.51 -15.13
CA TYR A 48 2.91 0.64 -15.69
C TYR A 48 3.27 0.38 -17.14
N ASP A 49 2.63 -0.61 -17.76
CA ASP A 49 2.90 -0.94 -19.16
C ASP A 49 4.39 -1.11 -19.43
N ASP A 50 5.05 -1.88 -18.55
CA ASP A 50 6.50 -2.14 -18.60
C ASP A 50 7.37 -0.91 -18.28
N ASN A 51 7.08 0.22 -18.92
CA ASN A 51 8.02 1.35 -18.95
C ASN A 51 7.41 2.76 -18.84
N ASP A 52 6.09 2.85 -18.85
CA ASP A 52 5.41 4.13 -18.64
C ASP A 52 5.44 4.58 -17.18
N ARG A 53 5.72 5.86 -17.01
CA ARG A 53 5.72 6.50 -15.70
C ARG A 53 4.56 7.49 -15.65
N PRO A 54 3.66 7.34 -14.67
CA PRO A 54 2.57 8.29 -14.54
C PRO A 54 3.05 9.67 -14.12
N SER A 55 2.24 10.67 -14.44
CA SER A 55 2.42 12.03 -13.98
C SER A 55 2.66 12.01 -12.49
N GLY A 56 3.62 12.81 -12.04
CA GLY A 56 3.96 12.86 -10.64
C GLY A 56 5.32 12.26 -10.38
N ILE A 57 5.54 11.04 -10.86
CA ILE A 57 6.74 10.27 -10.50
C ILE A 57 8.03 10.83 -11.13
N PRO A 58 9.04 11.15 -10.30
CA PRO A 58 10.29 11.74 -10.81
C PRO A 58 10.92 10.90 -11.90
N GLU A 59 11.72 11.54 -12.76
CA GLU A 59 12.25 10.92 -13.96
C GLU A 59 13.27 9.83 -13.68
N ARG A 60 13.77 9.76 -12.44
CA ARG A 60 14.80 8.80 -12.07
C ARG A 60 14.29 7.35 -11.99
N PHE A 61 12.96 7.21 -12.05
CA PHE A 61 12.30 5.91 -12.10
C PHE A 61 12.11 5.39 -13.52
N SER A 62 12.38 4.12 -13.72
CA SER A 62 12.32 3.52 -15.03
C SER A 62 12.24 2.03 -14.87
N GLY A 63 11.66 1.37 -15.87
CA GLY A 63 11.55 -0.08 -15.86
C GLY A 63 11.58 -0.66 -17.26
N SER A 64 12.21 -1.82 -17.37
CA SER A 64 12.16 -2.58 -18.61
C SER A 64 11.57 -3.96 -18.32
N ASN A 65 11.18 -4.67 -19.38
CA ASN A 65 10.64 -6.02 -19.30
C ASN A 65 11.12 -6.86 -20.49
N SER A 66 11.78 -7.98 -20.22
CA SER A 66 12.54 -8.69 -21.24
C SER A 66 12.58 -10.20 -21.01
N GLY A 67 11.90 -10.97 -21.87
CA GLY A 67 11.84 -12.43 -21.75
C GLY A 67 11.39 -12.97 -20.40
N ASN A 68 12.31 -12.99 -19.45
CA ASN A 68 12.07 -13.63 -18.15
C ASN A 68 12.32 -12.74 -16.91
N THR A 69 12.86 -11.54 -17.10
CA THR A 69 13.01 -10.60 -15.99
C THR A 69 12.49 -9.20 -16.35
N ALA A 70 11.82 -8.59 -15.39
CA ALA A 70 11.49 -7.18 -15.43
C ALA A 70 12.36 -6.45 -14.40
N THR A 71 12.82 -5.25 -14.73
CA THR A 71 13.68 -4.50 -13.84
C THR A 71 13.24 -3.05 -13.65
N LEU A 72 12.99 -2.70 -12.39
CA LEU A 72 12.77 -1.30 -12.02
C LEU A 72 14.09 -0.67 -11.66
N THR A 73 14.53 0.28 -12.50
CA THR A 73 15.78 1.01 -12.27
C THR A 73 15.51 2.42 -11.73
N ILE A 74 16.22 2.75 -10.66
CA ILE A 74 16.18 4.08 -10.06
C ILE A 74 17.59 4.64 -10.13
N SER A 75 17.79 5.50 -11.12
CA SER A 75 19.03 6.26 -11.24
C SER A 75 18.92 7.51 -10.38
N GLY A 76 20.05 7.92 -9.78
CA GLY A 76 20.09 9.08 -8.90
C GLY A 76 19.38 8.79 -7.58
N THR A 77 19.63 7.59 -7.04
CA THR A 77 18.93 7.04 -5.86
C THR A 77 18.97 7.94 -4.61
N GLN A 78 17.79 8.31 -4.15
CA GLN A 78 17.65 9.29 -3.07
C GLN A 78 17.08 8.68 -1.78
N ALA A 79 17.32 9.36 -0.66
CA ALA A 79 16.82 8.97 0.66
C ALA A 79 15.33 8.60 0.67
N GLU A 80 14.50 9.53 0.16
CA GLU A 80 13.03 9.41 0.17
C GLU A 80 12.51 8.27 -0.71
N ASP A 81 13.41 7.62 -1.46
CA ASP A 81 13.08 6.47 -2.30
C ASP A 81 13.13 5.16 -1.52
N GLU A 82 13.60 5.22 -0.28
CA GLU A 82 13.57 4.09 0.62
C GLU A 82 12.12 3.63 0.74
N ALA A 83 11.88 2.33 0.58
CA ALA A 83 10.53 1.74 0.62
C ALA A 83 10.49 0.24 0.30
N ASP A 84 9.27 -0.32 0.30
CA ASP A 84 9.03 -1.62 -0.32
C ASP A 84 8.49 -1.42 -1.74
N TYR A 85 9.03 -2.18 -2.69
CA TYR A 85 8.64 -2.04 -4.09
C TYR A 85 8.13 -3.37 -4.65
N TYR A 86 7.01 -3.30 -5.38
CA TYR A 86 6.31 -4.49 -5.89
C TYR A 86 6.15 -4.45 -7.40
N CYS A 87 6.30 -5.61 -8.04
CA CYS A 87 5.91 -5.78 -9.43
C CYS A 87 4.54 -6.42 -9.45
N GLY A 88 3.76 -6.12 -10.50
CA GLY A 88 2.40 -6.65 -10.63
C GLY A 88 2.02 -6.81 -12.09
N THR A 89 1.31 -7.90 -12.40
CA THR A 89 0.87 -8.18 -13.77
C THR A 89 -0.55 -8.75 -13.83
N TRP A 90 -0.97 -9.05 -15.05
CA TRP A 90 -2.18 -9.83 -15.26
C TRP A 90 -1.90 -11.10 -16.05
N ASP A 91 -2.38 -12.22 -15.54
CA ASP A 91 -2.23 -13.50 -16.18
C ASP A 91 -3.62 -14.09 -16.45
N MET A 92 -3.82 -14.57 -17.68
CA MET A 92 -5.09 -15.18 -18.07
C MET A 92 -5.65 -16.08 -16.99
N VAL A 93 -4.81 -17.01 -16.53
CA VAL A 93 -5.25 -18.05 -15.59
C VAL A 93 -5.55 -17.48 -14.21
N THR A 94 -4.55 -16.78 -13.66
CA THR A 94 -4.53 -16.38 -12.24
C THR A 94 -4.79 -14.91 -12.00
N ASN A 95 -4.94 -14.15 -13.08
CA ASN A 95 -5.29 -12.73 -13.03
C ASN A 95 -4.24 -11.78 -12.42
N ASN A 96 -4.64 -10.89 -11.52
CA ASN A 96 -3.69 -9.95 -10.93
C ASN A 96 -2.74 -10.63 -9.95
N VAL A 97 -1.48 -10.76 -10.36
CA VAL A 97 -0.48 -11.39 -9.51
C VAL A 97 0.52 -10.32 -9.05
N PHE A 98 1.07 -10.49 -7.85
CA PHE A 98 2.11 -9.60 -7.36
C PHE A 98 3.35 -10.35 -6.90
N GLY A 99 4.51 -9.79 -7.21
CA GLY A 99 5.77 -10.31 -6.69
C GLY A 99 5.84 -10.21 -5.17
N GLY A 100 6.83 -10.89 -4.59
CA GLY A 100 7.11 -10.85 -3.15
C GLY A 100 7.25 -9.44 -2.61
N GLY A 101 7.73 -8.51 -3.45
CA GLY A 101 8.08 -7.14 -3.04
C GLY A 101 9.52 -7.05 -2.59
N THR A 102 10.13 -5.87 -2.71
CA THR A 102 11.51 -5.71 -2.22
C THR A 102 11.74 -4.46 -1.39
N LYS A 103 12.49 -4.63 -0.31
CA LYS A 103 12.72 -3.57 0.67
C LYS A 103 14.01 -2.81 0.38
N LEU A 104 13.86 -1.61 -0.19
CA LEU A 104 15.00 -0.82 -0.59
C LEU A 104 15.51 0.04 0.56
N THR A 105 16.83 0.07 0.72
CA THR A 105 17.49 0.91 1.73
C THR A 105 18.69 1.63 1.14
N VAL A 106 18.71 2.94 1.36
CA VAL A 106 19.81 3.82 0.93
C VAL A 106 20.90 3.71 1.97
N LEU A 107 22.14 3.56 1.53
CA LEU A 107 23.22 3.22 2.44
C LEU A 107 23.85 4.39 3.16
N GLY A 108 24.17 4.18 4.42
CA GLY A 108 24.91 5.14 5.21
C GLY A 108 24.12 6.37 5.62
N GLN A 109 22.99 6.14 6.28
CA GLN A 109 22.32 7.19 7.02
C GLN A 109 23.13 7.43 8.28
N PRO A 110 23.34 8.70 8.66
CA PRO A 110 24.13 8.97 9.86
C PRO A 110 23.36 8.70 11.15
N LYS A 111 24.07 8.19 12.16
CA LYS A 111 23.52 7.88 13.48
C LYS A 111 22.62 9.01 13.96
N ALA A 112 21.50 8.66 14.60
CA ALA A 112 20.52 9.67 15.05
C ALA A 112 19.98 9.45 16.45
N ALA A 113 20.15 10.47 17.30
CA ALA A 113 19.73 10.48 18.70
C ALA A 113 18.21 10.44 18.88
N PRO A 114 17.73 9.62 19.84
CA PRO A 114 16.31 9.51 20.18
C PRO A 114 15.76 10.76 20.88
N SER A 115 14.44 10.96 20.82
CA SER A 115 13.81 12.09 21.50
C SER A 115 12.78 11.62 22.52
N VAL A 116 13.23 11.38 23.74
CA VAL A 116 12.38 10.79 24.77
C VAL A 116 11.42 11.82 25.39
N THR A 117 10.14 11.48 25.42
CA THR A 117 9.12 12.26 26.12
C THR A 117 8.32 11.34 27.02
N LEU A 118 8.33 11.66 28.31
CA LEU A 118 7.72 10.80 29.32
C LEU A 118 6.57 11.49 30.05
N PHE A 119 5.39 10.88 29.97
CA PHE A 119 4.19 11.38 30.63
C PHE A 119 3.83 10.60 31.91
N PRO A 120 3.24 11.28 32.90
CA PRO A 120 2.83 10.62 34.14
C PRO A 120 1.37 10.22 34.03
N PRO A 121 0.92 9.27 34.89
CA PRO A 121 -0.50 8.93 34.98
C PRO A 121 -1.37 10.18 35.02
N SER A 122 -2.34 10.27 34.11
CA SER A 122 -3.30 11.39 34.11
C SER A 122 -4.14 11.38 35.39
N SER A 123 -4.77 12.51 35.71
CA SER A 123 -5.64 12.59 36.90
C SER A 123 -6.87 11.72 36.74
N GLU A 124 -7.46 11.72 35.54
CA GLU A 124 -8.53 10.78 35.21
C GLU A 124 -8.12 9.35 35.50
N GLU A 125 -6.99 8.93 34.94
CA GLU A 125 -6.61 7.53 35.04
C GLU A 125 -6.54 7.16 36.50
N LEU A 126 -5.77 7.91 37.27
CA LEU A 126 -5.66 7.67 38.71
C LEU A 126 -7.03 7.61 39.38
N GLN A 127 -7.91 8.53 38.97
CA GLN A 127 -9.26 8.57 39.49
C GLN A 127 -9.99 7.28 39.16
N ALA A 128 -9.54 6.60 38.11
CA ALA A 128 -10.17 5.36 37.65
C ALA A 128 -9.54 4.10 38.27
N ASN A 129 -8.70 4.31 39.29
CA ASN A 129 -7.92 3.24 39.92
C ASN A 129 -6.96 2.49 39.01
N LYS A 130 -6.57 3.12 37.90
CA LYS A 130 -5.49 2.62 37.07
C LYS A 130 -4.40 3.70 36.98
N ALA A 131 -3.26 3.32 36.39
CA ALA A 131 -2.12 4.21 36.24
C ALA A 131 -1.22 3.67 35.14
N THR A 132 -0.91 4.53 34.18
CA THR A 132 0.05 4.20 33.14
C THR A 132 1.03 5.35 32.87
N LEU A 133 2.32 5.01 32.90
CA LEU A 133 3.37 5.95 32.51
C LEU A 133 3.65 5.76 31.03
N VAL A 134 3.97 6.85 30.35
CA VAL A 134 4.00 6.83 28.90
C VAL A 134 5.32 7.38 28.40
N CYS A 135 6.14 6.49 27.85
CA CYS A 135 7.52 6.78 27.47
C CYS A 135 7.67 6.73 25.95
N LEU A 136 7.54 7.90 25.32
CA LEU A 136 7.54 8.01 23.86
C LEU A 136 8.90 8.43 23.32
N ILE A 137 9.41 7.64 22.39
CA ILE A 137 10.75 7.80 21.82
C ILE A 137 10.70 8.00 20.31
N SER A 138 11.08 9.18 19.84
CA SER A 138 11.01 9.49 18.40
C SER A 138 12.38 9.73 17.76
N ASP A 139 12.40 9.71 16.42
CA ASP A 139 13.50 10.26 15.60
C ASP A 139 14.90 9.62 15.73
N PHE A 140 15.00 8.34 16.04
CA PHE A 140 16.31 7.71 16.18
C PHE A 140 16.69 6.76 15.03
N TYR A 141 17.99 6.49 14.89
CA TYR A 141 18.52 5.60 13.87
C TYR A 141 19.96 5.27 14.21
N PRO A 142 20.36 3.98 14.11
CA PRO A 142 19.56 2.83 13.64
C PRO A 142 18.35 2.52 14.51
N GLY A 143 17.41 1.75 13.95
CA GLY A 143 16.19 1.36 14.67
C GLY A 143 16.43 0.35 15.77
N ALA A 144 17.14 0.78 16.81
CA ALA A 144 17.52 -0.11 17.91
C ALA A 144 17.63 0.68 19.20
N VAL A 145 16.82 0.27 20.17
CA VAL A 145 16.68 1.00 21.44
C VAL A 145 16.44 0.00 22.56
N THR A 146 17.09 0.20 23.69
CA THR A 146 16.75 -0.55 24.91
C THR A 146 16.05 0.38 25.88
N VAL A 147 14.86 -0.03 26.31
CA VAL A 147 14.11 0.71 27.31
C VAL A 147 14.15 -0.08 28.61
N ALA A 148 14.28 0.64 29.72
CA ALA A 148 14.24 0.06 31.05
C ALA A 148 13.62 1.10 31.97
N TRP A 149 12.87 0.61 32.95
CA TRP A 149 12.20 1.50 33.89
C TRP A 149 12.76 1.32 35.28
N LYS A 150 12.94 2.43 35.97
CA LYS A 150 13.38 2.38 37.36
C LYS A 150 12.31 2.95 38.29
N ALA A 151 12.14 2.26 39.42
CA ALA A 151 11.31 2.73 40.53
C ALA A 151 12.23 3.08 41.67
N ASP A 152 12.33 4.38 41.97
CA ASP A 152 13.28 4.91 42.96
C ASP A 152 14.65 4.25 42.79
N SER A 153 15.23 4.45 41.60
CA SER A 153 16.52 3.86 41.21
C SER A 153 16.62 2.36 41.53
N SER A 154 15.56 1.65 41.16
CA SER A 154 15.46 0.20 41.30
C SER A 154 14.61 -0.36 40.15
N PRO A 155 15.15 -1.34 39.41
CA PRO A 155 14.53 -1.83 38.17
C PRO A 155 13.12 -2.40 38.33
N VAL A 156 12.22 -1.98 37.44
CA VAL A 156 10.85 -2.51 37.39
C VAL A 156 10.72 -3.40 36.17
N LYS A 157 10.62 -4.71 36.40
CA LYS A 157 10.55 -5.67 35.29
C LYS A 157 9.13 -5.91 34.80
N ALA A 158 8.19 -5.99 35.75
CA ALA A 158 6.79 -6.33 35.46
C ALA A 158 5.96 -5.11 35.12
N GLY A 159 5.00 -5.32 34.22
CA GLY A 159 4.07 -4.25 33.86
C GLY A 159 4.57 -3.35 32.74
N VAL A 160 5.63 -3.80 32.09
CA VAL A 160 6.17 -3.06 30.96
C VAL A 160 5.61 -3.67 29.68
N GLU A 161 5.17 -2.79 28.78
CA GLU A 161 4.82 -3.19 27.40
C GLU A 161 5.52 -2.25 26.44
N THR A 162 6.44 -2.78 25.64
CA THR A 162 7.23 -1.93 24.74
C THR A 162 7.19 -2.45 23.31
N THR A 163 6.99 -1.53 22.37
CA THR A 163 6.94 -1.86 20.95
C THR A 163 8.32 -2.18 20.41
N THR A 164 8.34 -2.87 19.26
CA THR A 164 9.53 -2.98 18.42
C THR A 164 9.52 -1.82 17.43
N PRO A 165 10.61 -1.04 17.37
CA PRO A 165 10.69 0.22 16.61
C PRO A 165 10.11 0.14 15.19
N SER A 166 9.67 1.27 14.68
CA SER A 166 9.05 1.30 13.36
C SER A 166 9.44 2.54 12.57
N LYS A 167 9.68 2.33 11.29
CA LYS A 167 10.19 3.40 10.43
C LYS A 167 9.23 4.56 10.36
N GLN A 168 9.73 5.72 10.78
CA GLN A 168 9.05 7.00 10.61
C GLN A 168 9.05 7.45 9.15
N SER A 169 8.05 8.26 8.82
CA SER A 169 7.94 8.96 7.54
C SER A 169 9.28 9.61 7.10
N ASN A 170 10.08 10.04 8.08
CA ASN A 170 11.38 10.68 7.83
C ASN A 170 12.55 9.69 7.85
N ASN A 171 12.24 8.40 7.80
CA ASN A 171 13.24 7.34 7.72
C ASN A 171 14.10 7.17 8.97
N LYS A 172 13.69 7.79 10.07
CA LYS A 172 14.23 7.44 11.37
C LYS A 172 13.21 6.51 12.02
N TYR A 173 13.40 6.14 13.29
CA TYR A 173 12.49 5.18 13.94
C TYR A 173 11.74 5.74 15.15
N ALA A 174 10.55 5.20 15.40
CA ALA A 174 9.77 5.54 16.58
C ALA A 174 9.37 4.30 17.36
N ALA A 175 9.50 4.38 18.68
CA ALA A 175 9.00 3.35 19.57
C ALA A 175 8.33 4.00 20.77
N SER A 176 7.52 3.22 21.49
CA SER A 176 6.92 3.67 22.74
C SER A 176 6.82 2.54 23.76
N SER A 177 7.01 2.91 25.03
CA SER A 177 6.90 1.99 26.16
C SER A 177 5.87 2.51 27.15
N TYR A 178 5.08 1.59 27.70
CA TYR A 178 4.07 1.92 28.68
C TYR A 178 4.22 1.08 29.95
N LEU A 179 4.22 1.77 31.09
CA LEU A 179 4.24 1.09 32.38
C LEU A 179 2.90 1.19 33.11
N SER A 180 2.30 0.03 33.36
CA SER A 180 1.09 -0.09 34.15
C SER A 180 1.43 -0.13 35.65
N LEU A 181 0.76 0.71 36.46
CA LEU A 181 0.93 0.72 37.94
C LEU A 181 -0.37 0.86 38.72
N THR A 182 -0.40 0.29 39.92
CA THR A 182 -1.50 0.54 40.84
C THR A 182 -1.30 1.93 41.44
N PRO A 183 -2.38 2.71 41.54
CA PRO A 183 -2.25 4.07 42.09
C PRO A 183 -1.49 4.10 43.41
N GLU A 184 -1.55 3.01 44.18
CA GLU A 184 -0.71 2.83 45.37
C GLU A 184 0.77 2.90 44.99
N GLN A 185 1.18 2.05 44.05
CA GLN A 185 2.57 2.02 43.64
C GLN A 185 3.02 3.40 43.22
N TRP A 186 2.24 4.03 42.34
CA TRP A 186 2.58 5.34 41.78
C TRP A 186 2.72 6.45 42.85
N LYS A 187 1.79 6.48 43.79
CA LYS A 187 1.85 7.48 44.87
C LYS A 187 2.92 7.12 45.89
N SER A 188 3.16 5.83 46.07
CA SER A 188 4.08 5.31 47.08
C SER A 188 5.53 5.77 46.90
N HIS A 189 6.06 5.69 45.68
CA HIS A 189 7.48 6.00 45.44
C HIS A 189 7.77 7.50 45.27
N ARG A 190 9.04 7.87 45.43
CA ARG A 190 9.50 9.25 45.17
C ARG A 190 9.34 9.59 43.69
N SER A 191 9.91 8.76 42.81
CA SER A 191 9.72 8.90 41.37
C SER A 191 9.95 7.61 40.59
N TYR A 192 9.62 7.66 39.31
CA TYR A 192 9.85 6.61 38.35
C TYR A 192 10.54 7.22 37.13
N SER A 193 11.42 6.45 36.48
CA SER A 193 12.02 6.88 35.22
C SER A 193 12.07 5.76 34.17
N CYS A 194 11.72 6.09 32.93
CA CYS A 194 12.08 5.21 31.82
C CYS A 194 13.42 5.71 31.34
N GLN A 195 14.26 4.78 30.92
CA GLN A 195 15.56 5.16 30.42
C GLN A 195 15.88 4.42 29.12
N VAL A 196 16.20 5.20 28.11
CA VAL A 196 16.35 4.70 26.76
C VAL A 196 17.82 4.69 26.38
N THR A 197 18.31 3.53 25.95
CA THR A 197 19.67 3.42 25.45
C THR A 197 19.61 3.28 23.94
N HIS A 198 20.26 4.21 23.25
CA HIS A 198 20.46 4.11 21.81
C HIS A 198 21.96 4.23 21.48
N GLU A 199 22.56 3.08 21.16
CA GLU A 199 23.98 2.96 20.84
C GLU A 199 24.93 3.68 21.77
N GLY A 200 25.00 3.21 23.01
CA GLY A 200 25.98 3.70 23.97
C GLY A 200 25.54 4.88 24.79
N SER A 201 24.72 5.74 24.19
CA SER A 201 24.20 6.91 24.86
C SER A 201 22.92 6.50 25.53
N THR A 202 22.66 7.06 26.70
CA THR A 202 21.40 6.85 27.40
C THR A 202 20.75 8.18 27.76
N VAL A 203 19.44 8.26 27.54
CA VAL A 203 18.60 9.37 28.00
C VAL A 203 17.62 8.83 29.05
N GLU A 204 17.63 9.43 30.24
CA GLU A 204 16.74 9.00 31.31
C GLU A 204 15.91 10.18 31.76
N LYS A 205 14.69 10.23 31.27
CA LYS A 205 13.74 11.18 31.82
C LYS A 205 13.08 10.57 33.06
N THR A 206 12.88 11.38 34.08
CA THR A 206 12.24 10.95 35.32
C THR A 206 10.98 11.75 35.55
N VAL A 207 10.03 11.15 36.27
CA VAL A 207 8.79 11.84 36.61
C VAL A 207 8.28 11.38 37.99
N ALA A 208 7.60 12.28 38.69
CA ALA A 208 7.15 12.04 40.05
C ALA A 208 5.71 12.57 40.22
N PRO A 209 4.98 12.08 41.24
CA PRO A 209 3.63 12.59 41.57
C PRO A 209 3.55 13.90 42.38
N THR A 210 2.42 14.60 42.21
CA THR A 210 2.04 15.79 43.01
C THR A 210 2.41 15.67 44.50
N GLN B 1 -9.44 15.12 -7.90
CA GLN B 1 -8.46 14.23 -7.22
C GLN B 1 -9.05 12.83 -7.04
N VAL B 2 -8.43 11.85 -7.68
CA VAL B 2 -8.88 10.44 -7.67
C VAL B 2 -8.90 9.90 -6.24
N GLN B 3 -10.04 9.33 -5.85
CA GLN B 3 -10.26 8.96 -4.45
C GLN B 3 -11.18 7.76 -4.32
N LEU B 4 -10.66 6.73 -3.66
CA LEU B 4 -11.42 5.50 -3.36
C LEU B 4 -11.38 5.29 -1.85
N VAL B 5 -12.56 5.29 -1.22
CA VAL B 5 -12.66 5.19 0.24
C VAL B 5 -13.43 3.96 0.71
N GLU B 6 -12.70 3.03 1.32
CA GLU B 6 -13.25 1.78 1.85
C GLU B 6 -13.71 1.92 3.28
N SER B 7 -14.64 1.07 3.70
CA SER B 7 -15.12 1.04 5.07
C SER B 7 -15.86 -0.26 5.35
N GLY B 8 -15.97 -0.62 6.63
CA GLY B 8 -16.68 -1.83 7.02
C GLY B 8 -15.81 -2.87 7.71
N GLY B 9 -14.53 -2.55 7.88
CA GLY B 9 -13.63 -3.47 8.55
C GLY B 9 -13.93 -3.53 10.04
N GLY B 10 -13.51 -4.62 10.67
CA GLY B 10 -13.70 -4.79 12.10
C GLY B 10 -13.29 -6.18 12.55
N LEU B 11 -13.72 -6.54 13.76
CA LEU B 11 -13.52 -7.91 14.21
C LEU B 11 -14.69 -8.71 13.71
N VAL B 12 -14.37 -9.80 13.01
CA VAL B 12 -15.38 -10.74 12.58
C VAL B 12 -15.00 -12.13 13.06
N GLN B 13 -15.99 -12.82 13.63
CA GLN B 13 -15.80 -14.14 14.20
C GLN B 13 -15.46 -15.15 13.10
N PRO B 14 -14.59 -16.13 13.38
CA PRO B 14 -14.26 -17.15 12.39
C PRO B 14 -15.53 -17.84 11.92
N GLY B 15 -15.67 -18.00 10.61
CA GLY B 15 -16.90 -18.51 10.03
C GLY B 15 -17.97 -17.44 9.91
N GLY B 16 -17.65 -16.22 10.35
CA GLY B 16 -18.60 -15.10 10.29
C GLY B 16 -18.74 -14.47 8.92
N SER B 17 -19.38 -13.31 8.88
CA SER B 17 -19.66 -12.63 7.62
C SER B 17 -19.53 -11.11 7.72
N LEU B 18 -19.06 -10.51 6.65
CA LEU B 18 -18.82 -9.08 6.63
C LEU B 18 -18.97 -8.54 5.22
N ARG B 19 -19.51 -7.31 5.14
CA ARG B 19 -19.62 -6.60 3.88
C ARG B 19 -18.75 -5.34 3.90
N LEU B 20 -17.79 -5.27 2.97
CA LEU B 20 -17.00 -4.08 2.79
C LEU B 20 -17.62 -3.29 1.66
N SER B 21 -17.28 -2.01 1.60
CA SER B 21 -17.73 -1.17 0.50
C SER B 21 -16.73 -0.05 0.26
N CYS B 22 -16.66 0.37 -1.00
CA CYS B 22 -15.68 1.34 -1.45
C CYS B 22 -16.39 2.46 -2.21
N ALA B 23 -16.06 3.70 -1.89
CA ALA B 23 -16.78 4.84 -2.44
C ALA B 23 -15.90 5.71 -3.30
N ALA B 24 -15.98 5.52 -4.61
CA ALA B 24 -15.16 6.27 -5.58
C ALA B 24 -15.49 7.77 -5.68
N SER B 25 -14.53 8.55 -6.18
CA SER B 25 -14.73 9.98 -6.46
C SER B 25 -13.53 10.58 -7.19
N GLY B 26 -13.82 11.48 -8.13
CA GLY B 26 -12.77 12.20 -8.87
C GLY B 26 -12.47 11.62 -10.25
N PHE B 27 -13.38 10.79 -10.75
CA PHE B 27 -13.23 10.15 -12.06
C PHE B 27 -14.51 9.47 -12.52
N THR B 28 -14.51 9.01 -13.78
CA THR B 28 -15.67 8.34 -14.35
C THR B 28 -15.71 6.90 -13.86
N PHE B 29 -16.42 6.70 -12.76
CA PHE B 29 -16.57 5.38 -12.14
C PHE B 29 -17.06 4.32 -13.11
N ASN B 30 -17.88 4.71 -14.09
CA ASN B 30 -18.47 3.82 -15.08
C ASN B 30 -17.48 3.12 -16.00
N SER B 31 -16.35 3.77 -16.27
CA SER B 31 -15.41 3.36 -17.31
C SER B 31 -14.30 2.44 -16.80
N TYR B 32 -14.35 2.09 -15.52
CA TYR B 32 -13.24 1.36 -14.92
C TYR B 32 -13.61 0.02 -14.29
N TRP B 33 -12.73 -0.94 -14.52
CA TRP B 33 -12.68 -2.16 -13.75
C TRP B 33 -12.15 -1.72 -12.38
N ILE B 34 -12.73 -2.28 -11.30
CA ILE B 34 -12.26 -2.01 -9.93
C ILE B 34 -11.94 -3.33 -9.21
N ASN B 35 -10.82 -3.36 -8.50
CA ASN B 35 -10.43 -4.56 -7.78
C ASN B 35 -10.54 -4.41 -6.26
N TRP B 36 -10.71 -5.53 -5.59
CA TRP B 36 -10.42 -5.64 -4.16
C TRP B 36 -9.12 -6.40 -4.00
N VAL B 37 -8.16 -5.78 -3.32
CA VAL B 37 -6.85 -6.38 -3.07
C VAL B 37 -6.51 -6.30 -1.58
N ARG B 38 -6.06 -7.41 -1.00
CA ARG B 38 -5.77 -7.44 0.42
C ARG B 38 -4.28 -7.56 0.73
N GLN B 39 -3.95 -7.32 1.99
CA GLN B 39 -2.57 -7.42 2.50
C GLN B 39 -2.53 -7.68 4.02
N ALA B 40 -2.02 -8.86 4.38
CA ALA B 40 -1.87 -9.23 5.79
C ALA B 40 -0.66 -8.52 6.41
N PRO B 41 -0.75 -8.19 7.71
CA PRO B 41 0.33 -7.42 8.33
C PRO B 41 1.68 -8.11 8.12
N GLY B 42 2.61 -7.42 7.48
CA GLY B 42 3.90 -8.00 7.14
C GLY B 42 3.92 -8.52 5.72
N LYS B 43 2.98 -9.42 5.41
CA LYS B 43 2.88 -10.08 4.10
C LYS B 43 2.71 -9.08 2.94
N GLY B 44 2.93 -9.55 1.71
CA GLY B 44 2.76 -8.72 0.52
C GLY B 44 1.33 -8.56 0.04
N LEU B 45 1.16 -8.30 -1.25
CA LEU B 45 -0.14 -7.98 -1.82
C LEU B 45 -0.79 -9.22 -2.40
N GLU B 46 -2.09 -9.38 -2.20
CA GLU B 46 -2.82 -10.45 -2.86
C GLU B 46 -4.12 -9.93 -3.45
N TRP B 47 -4.29 -10.12 -4.76
CA TRP B 47 -5.53 -9.73 -5.43
C TRP B 47 -6.64 -10.71 -5.10
N VAL B 48 -7.77 -10.19 -4.64
CA VAL B 48 -8.91 -11.00 -4.18
C VAL B 48 -9.99 -11.12 -5.25
N SER B 49 -10.46 -9.98 -5.73
CA SER B 49 -11.54 -9.94 -6.67
C SER B 49 -11.56 -8.67 -7.51
N GLY B 50 -12.28 -8.72 -8.63
CA GLY B 50 -12.41 -7.60 -9.55
C GLY B 50 -13.74 -7.67 -10.29
N ILE B 51 -14.19 -6.52 -10.76
CA ILE B 51 -15.49 -6.43 -11.45
C ILE B 51 -15.41 -5.50 -12.65
N ALA B 52 -16.09 -5.91 -13.73
CA ALA B 52 -16.16 -5.14 -14.98
C ALA B 52 -16.79 -3.78 -14.76
N TYR B 53 -16.67 -2.93 -15.77
CA TYR B 53 -17.27 -1.60 -15.75
C TYR B 53 -18.80 -1.67 -15.74
N ASP B 54 -19.37 -2.63 -16.47
CA ASP B 54 -20.83 -2.78 -16.61
C ASP B 54 -21.37 -3.98 -15.82
N SER B 55 -20.47 -4.68 -15.13
CA SER B 55 -20.79 -5.89 -14.35
C SER B 55 -21.05 -7.16 -15.19
N SER B 56 -20.63 -7.13 -16.45
CA SER B 56 -20.76 -8.31 -17.31
C SER B 56 -19.81 -9.41 -16.87
N ASN B 57 -18.73 -9.02 -16.19
CA ASN B 57 -17.75 -9.99 -15.71
C ASN B 57 -17.35 -9.79 -14.25
N THR B 58 -17.32 -10.91 -13.54
CA THR B 58 -16.91 -10.96 -12.16
C THR B 58 -15.86 -12.06 -12.07
N LEU B 59 -14.75 -11.76 -11.38
CA LEU B 59 -13.61 -12.69 -11.25
C LEU B 59 -12.99 -12.77 -9.86
N TYR B 60 -12.67 -13.98 -9.42
CA TYR B 60 -12.23 -14.20 -8.03
C TYR B 60 -10.92 -14.98 -7.92
N ALA B 61 -10.13 -14.69 -6.89
CA ALA B 61 -8.98 -15.54 -6.55
C ALA B 61 -9.45 -16.93 -6.12
N ASP B 62 -8.62 -17.94 -6.39
CA ASP B 62 -8.97 -19.33 -6.06
C ASP B 62 -9.15 -19.54 -4.57
N SER B 63 -8.28 -18.90 -3.79
CA SER B 63 -8.34 -18.95 -2.33
C SER B 63 -9.62 -18.33 -1.74
N VAL B 64 -10.36 -17.63 -2.59
CA VAL B 64 -11.45 -16.78 -2.12
C VAL B 64 -12.79 -17.11 -2.79
N LYS B 65 -12.75 -18.02 -3.76
CA LYS B 65 -13.87 -18.29 -4.65
C LYS B 65 -15.02 -19.02 -3.96
N GLY B 66 -16.25 -18.62 -4.28
CA GLY B 66 -17.45 -19.23 -3.69
C GLY B 66 -17.76 -18.78 -2.27
N ARG B 67 -16.86 -18.01 -1.67
CA ARG B 67 -17.08 -17.48 -0.32
C ARG B 67 -17.31 -15.99 -0.39
N PHE B 68 -16.59 -15.31 -1.28
CA PHE B 68 -16.71 -13.86 -1.43
C PHE B 68 -17.61 -13.53 -2.58
N THR B 69 -18.18 -12.33 -2.57
CA THR B 69 -19.01 -11.88 -3.68
C THR B 69 -18.86 -10.39 -3.91
N ILE B 70 -18.25 -10.07 -5.04
CA ILE B 70 -18.00 -8.69 -5.41
C ILE B 70 -19.22 -8.15 -6.16
N SER B 71 -19.48 -6.85 -6.04
CA SER B 71 -20.60 -6.21 -6.76
C SER B 71 -20.41 -4.69 -6.80
N ARG B 72 -21.19 -4.04 -7.66
CA ARG B 72 -21.09 -2.58 -7.79
C ARG B 72 -22.44 -1.91 -8.10
N ASP B 73 -22.54 -0.64 -7.71
CA ASP B 73 -23.68 0.19 -8.08
C ASP B 73 -23.17 1.49 -8.68
N ASN B 74 -23.25 1.58 -10.00
CA ASN B 74 -22.67 2.69 -10.74
C ASN B 74 -23.39 4.03 -10.54
N SER B 75 -24.54 3.98 -9.87
CA SER B 75 -25.30 5.20 -9.57
C SER B 75 -24.81 5.86 -8.29
N LYS B 76 -24.64 5.08 -7.22
CA LYS B 76 -24.05 5.59 -5.98
C LYS B 76 -22.51 5.65 -6.05
N ASN B 77 -21.97 5.20 -7.17
CA ASN B 77 -20.53 5.12 -7.38
C ASN B 77 -19.84 4.37 -6.24
N THR B 78 -20.32 3.16 -6.00
CA THR B 78 -19.85 2.34 -4.90
C THR B 78 -19.62 0.91 -5.35
N LEU B 79 -18.51 0.35 -4.90
CA LEU B 79 -18.19 -1.05 -5.08
C LEU B 79 -18.42 -1.76 -3.75
N TYR B 80 -18.77 -3.03 -3.80
CA TYR B 80 -19.03 -3.82 -2.59
C TYR B 80 -18.29 -5.15 -2.61
N LEU B 81 -18.02 -5.69 -1.42
CA LEU B 81 -17.52 -7.06 -1.30
C LEU B 81 -18.21 -7.80 -0.16
N GLN B 82 -18.87 -8.89 -0.49
CA GLN B 82 -19.58 -9.71 0.49
C GLN B 82 -18.74 -10.94 0.80
N MET B 83 -18.20 -10.98 2.02
CA MET B 83 -17.31 -12.06 2.43
C MET B 83 -17.98 -13.00 3.44
N ASN B 84 -17.90 -14.30 3.19
CA ASN B 84 -18.51 -15.30 4.08
C ASN B 84 -17.53 -16.39 4.48
N SER B 85 -17.94 -17.23 5.43
CA SER B 85 -17.14 -18.39 5.85
C SER B 85 -15.71 -17.95 6.16
N LEU B 86 -15.58 -16.79 6.79
CA LEU B 86 -14.28 -16.15 6.94
C LEU B 86 -13.34 -16.93 7.83
N ARG B 87 -12.30 -17.47 7.22
CA ARG B 87 -11.20 -18.11 7.93
C ARG B 87 -10.35 -17.03 8.60
N ALA B 88 -9.46 -17.44 9.50
CA ALA B 88 -8.59 -16.49 10.20
C ALA B 88 -7.57 -15.90 9.25
N GLU B 89 -7.08 -16.72 8.31
CA GLU B 89 -6.12 -16.28 7.31
C GLU B 89 -6.79 -15.39 6.27
N ASP B 90 -7.97 -14.88 6.61
CA ASP B 90 -8.61 -13.90 5.76
C ASP B 90 -8.32 -12.48 6.27
N THR B 91 -7.68 -12.39 7.43
CA THR B 91 -7.32 -11.11 8.05
C THR B 91 -6.30 -10.33 7.23
N ALA B 92 -6.63 -9.08 6.95
CA ALA B 92 -5.80 -8.23 6.11
C ALA B 92 -6.34 -6.83 6.05
N VAL B 93 -5.51 -5.92 5.57
CA VAL B 93 -5.98 -4.62 5.10
C VAL B 93 -6.63 -4.89 3.77
N TYR B 94 -7.85 -4.38 3.59
CA TYR B 94 -8.54 -4.58 2.33
C TYR B 94 -8.57 -3.29 1.51
N TYR B 95 -7.81 -3.29 0.42
CA TYR B 95 -7.77 -2.17 -0.52
C TYR B 95 -8.74 -2.34 -1.66
N CYS B 96 -9.32 -1.22 -2.03
CA CYS B 96 -10.08 -1.15 -3.24
C CYS B 96 -9.21 -0.35 -4.19
N ALA B 97 -8.78 -0.98 -5.29
CA ALA B 97 -7.86 -0.34 -6.23
C ALA B 97 -8.30 -0.47 -7.69
N ARG B 98 -8.27 0.66 -8.37
CA ARG B 98 -8.84 0.80 -9.71
C ARG B 98 -7.98 0.15 -10.79
N GLY B 99 -8.62 -0.63 -11.66
CA GLY B 99 -7.94 -1.16 -12.85
C GLY B 99 -7.42 -0.05 -13.75
N LEU B 100 -6.73 -0.45 -14.83
CA LEU B 100 -6.30 0.50 -15.86
C LEU B 100 -7.38 0.74 -16.92
N GLY B 101 -8.12 -0.32 -17.26
CA GLY B 101 -9.17 -0.26 -18.28
C GLY B 101 -10.54 -0.64 -17.77
N ALA B 102 -11.34 -1.25 -18.64
CA ALA B 102 -12.72 -1.62 -18.30
C ALA B 102 -12.98 -3.15 -18.34
N PHE B 103 -11.98 -3.91 -18.81
CA PHE B 103 -12.13 -5.37 -18.96
C PHE B 103 -10.98 -6.10 -18.31
N HIS B 104 -11.25 -7.34 -17.88
CA HIS B 104 -10.25 -8.15 -17.16
C HIS B 104 -8.82 -8.11 -17.70
N TRP B 105 -8.69 -8.06 -19.03
CA TRP B 105 -7.39 -7.95 -19.66
C TRP B 105 -6.73 -6.58 -19.49
N ASP B 106 -7.23 -5.77 -18.57
CA ASP B 106 -6.59 -4.51 -18.25
C ASP B 106 -6.77 -4.18 -16.77
N MET B 107 -7.10 -5.20 -15.99
CA MET B 107 -7.45 -5.07 -14.56
C MET B 107 -6.35 -4.57 -13.61
N GLN B 108 -5.15 -4.30 -14.14
CA GLN B 108 -4.01 -3.92 -13.31
C GLN B 108 -4.31 -2.62 -12.60
N PRO B 109 -4.15 -2.60 -11.26
CA PRO B 109 -4.51 -1.40 -10.52
C PRO B 109 -3.54 -0.24 -10.73
N ASP B 110 -4.08 0.98 -10.65
CA ASP B 110 -3.27 2.19 -10.66
C ASP B 110 -3.43 2.97 -9.35
N TYR B 111 -4.69 3.25 -8.98
CA TYR B 111 -5.01 4.00 -7.78
C TYR B 111 -5.58 3.12 -6.69
N TRP B 112 -4.98 3.22 -5.51
CA TRP B 112 -5.34 2.37 -4.39
C TRP B 112 -5.94 3.20 -3.28
N GLY B 113 -7.05 2.71 -2.74
CA GLY B 113 -7.67 3.37 -1.60
C GLY B 113 -6.75 3.28 -0.40
N GLN B 114 -7.20 3.79 0.74
CA GLN B 114 -6.38 3.72 1.94
C GLN B 114 -6.55 2.43 2.75
N GLY B 115 -7.56 1.66 2.39
CA GLY B 115 -7.72 0.31 2.93
C GLY B 115 -8.54 0.26 4.20
N THR B 116 -9.10 -0.92 4.46
CA THR B 116 -9.84 -1.14 5.69
C THR B 116 -9.49 -2.51 6.26
N LEU B 117 -9.30 -2.53 7.58
CA LEU B 117 -8.68 -3.65 8.25
C LEU B 117 -9.70 -4.64 8.80
N VAL B 118 -9.93 -5.71 8.04
CA VAL B 118 -10.72 -6.82 8.55
C VAL B 118 -9.83 -7.62 9.49
N THR B 119 -10.37 -7.98 10.66
CA THR B 119 -9.62 -8.76 11.64
C THR B 119 -10.44 -9.97 12.06
N VAL B 120 -10.18 -11.11 11.42
CA VAL B 120 -10.90 -12.37 11.68
C VAL B 120 -10.28 -13.17 12.84
N SER B 121 -10.88 -13.08 14.02
CA SER B 121 -10.42 -13.87 15.17
C SER B 121 -11.59 -14.16 16.10
N SER B 122 -11.43 -15.14 16.99
CA SER B 122 -12.51 -15.45 17.93
C SER B 122 -12.32 -14.75 19.27
N ALA B 123 -11.77 -13.55 19.22
CA ALA B 123 -11.68 -12.70 20.40
C ALA B 123 -12.93 -11.83 20.45
N SER B 124 -12.91 -10.80 21.30
CA SER B 124 -14.07 -9.94 21.53
C SER B 124 -13.70 -8.48 21.25
N THR B 125 -14.57 -7.77 20.54
CA THR B 125 -14.36 -6.34 20.28
C THR B 125 -14.37 -5.65 21.63
N LYS B 126 -13.36 -4.82 21.85
CA LYS B 126 -13.28 -4.03 23.08
C LYS B 126 -12.89 -2.61 22.78
N GLY B 127 -13.67 -1.68 23.32
CA GLY B 127 -13.44 -0.26 23.13
C GLY B 127 -12.39 0.28 24.10
N PRO B 128 -11.83 1.45 23.76
CA PRO B 128 -10.73 2.13 24.45
C PRO B 128 -11.20 3.15 25.47
N SER B 129 -10.35 3.41 26.46
CA SER B 129 -10.53 4.55 27.34
C SER B 129 -9.44 5.57 27.07
N VAL B 130 -9.85 6.81 26.82
CA VAL B 130 -8.94 7.90 26.47
C VAL B 130 -8.66 8.76 27.69
N PHE B 131 -7.40 9.15 27.86
CA PHE B 131 -7.00 9.97 29.00
C PHE B 131 -6.14 11.11 28.53
N PRO B 132 -6.25 12.25 29.20
CA PRO B 132 -5.49 13.38 28.71
C PRO B 132 -4.05 13.32 29.19
N LEU B 133 -3.12 13.31 28.24
CA LEU B 133 -1.71 13.50 28.57
C LEU B 133 -1.50 15.00 28.63
N ALA B 134 -1.42 15.50 29.86
CA ALA B 134 -1.40 16.93 30.13
C ALA B 134 -0.08 17.56 29.68
N PRO B 135 -0.13 18.83 29.24
CA PRO B 135 0.97 19.39 28.48
C PRO B 135 2.21 19.55 29.33
N SER B 136 3.38 19.12 28.84
CA SER B 136 4.62 19.50 29.52
C SER B 136 5.60 20.17 28.55
N SER B 137 6.34 21.14 29.07
CA SER B 137 7.28 21.93 28.27
C SER B 137 8.68 21.38 28.41
N LYS B 138 8.80 20.40 29.32
CA LYS B 138 10.07 19.79 29.72
C LYS B 138 10.94 19.41 28.51
N SER B 139 10.40 18.59 27.62
CA SER B 139 11.20 17.95 26.58
C SER B 139 11.08 18.61 25.19
N THR B 140 10.49 19.79 25.15
CA THR B 140 10.17 20.43 23.89
C THR B 140 10.86 21.79 23.76
N SER B 141 11.10 22.21 22.51
CA SER B 141 11.77 23.48 22.17
C SER B 141 11.18 24.73 22.85
N GLY B 142 11.96 25.80 22.84
CA GLY B 142 11.53 27.07 23.41
C GLY B 142 10.17 27.49 22.91
N GLY B 143 9.31 27.92 23.83
CA GLY B 143 8.02 28.52 23.49
C GLY B 143 6.93 27.58 23.07
N THR B 144 7.26 26.29 22.94
CA THR B 144 6.26 25.27 22.58
C THR B 144 6.22 24.14 23.62
N ALA B 145 5.08 23.44 23.65
CA ALA B 145 4.82 22.40 24.65
C ALA B 145 4.14 21.18 24.04
N ALA B 146 4.28 20.04 24.71
CA ALA B 146 3.75 18.77 24.25
C ALA B 146 2.60 18.28 25.12
N LEU B 147 1.46 18.05 24.47
CA LEU B 147 0.27 17.50 25.14
C LEU B 147 -0.30 16.35 24.31
N GLY B 148 -0.85 15.35 24.98
CA GLY B 148 -1.28 14.14 24.29
C GLY B 148 -2.53 13.45 24.79
N CYS B 149 -2.84 12.33 24.16
CA CYS B 149 -3.92 11.44 24.59
C CYS B 149 -3.39 10.02 24.57
N LEU B 150 -3.64 9.31 25.66
CA LEU B 150 -3.36 7.90 25.72
C LEU B 150 -4.63 7.17 25.30
N VAL B 151 -4.52 6.25 24.35
CA VAL B 151 -5.67 5.48 23.92
C VAL B 151 -5.47 4.04 24.43
N LYS B 152 -6.03 3.75 25.60
CA LYS B 152 -5.74 2.49 26.30
C LYS B 152 -6.79 1.41 26.06
N ASP B 153 -6.31 0.18 25.88
CA ASP B 153 -7.11 -1.06 26.00
C ASP B 153 -8.27 -1.25 25.03
N TYR B 154 -7.93 -1.33 23.75
CA TYR B 154 -8.90 -1.57 22.68
C TYR B 154 -8.47 -2.76 21.85
N PHE B 155 -9.38 -3.24 21.02
CA PHE B 155 -9.17 -4.37 20.11
C PHE B 155 -10.41 -4.46 19.21
N PRO B 156 -10.21 -4.71 17.90
CA PRO B 156 -8.95 -4.76 17.21
C PRO B 156 -8.54 -3.38 16.68
N GLU B 157 -7.37 -3.34 16.05
CA GLU B 157 -6.91 -2.18 15.30
C GLU B 157 -7.99 -1.81 14.28
N PRO B 158 -7.99 -0.56 13.79
CA PRO B 158 -7.14 0.58 14.08
C PRO B 158 -7.81 1.65 14.93
N VAL B 159 -7.10 2.74 15.16
CA VAL B 159 -7.69 3.91 15.82
C VAL B 159 -7.39 5.20 15.03
N THR B 160 -8.44 5.92 14.63
CA THR B 160 -8.25 7.27 14.09
C THR B 160 -8.06 8.27 15.22
N VAL B 161 -7.00 9.06 15.13
CA VAL B 161 -6.84 10.18 16.03
C VAL B 161 -6.56 11.43 15.21
N SER B 162 -7.27 12.51 15.53
CA SER B 162 -6.91 13.82 15.02
C SER B 162 -7.11 14.83 16.14
N TRP B 163 -6.71 16.09 15.90
CA TRP B 163 -6.78 17.12 16.94
C TRP B 163 -7.54 18.34 16.47
N ASN B 164 -8.51 18.74 17.28
CA ASN B 164 -9.40 19.86 16.98
C ASN B 164 -10.13 19.70 15.63
N SER B 165 -10.68 18.50 15.43
CA SER B 165 -11.53 18.15 14.28
C SER B 165 -10.80 18.18 12.93
N GLY B 166 -9.48 18.20 12.98
CA GLY B 166 -8.65 18.22 11.78
C GLY B 166 -7.96 19.55 11.55
N ALA B 167 -8.45 20.59 12.22
CA ALA B 167 -7.92 21.96 12.09
C ALA B 167 -6.42 22.01 12.43
N LEU B 168 -6.07 21.59 13.63
CA LEU B 168 -4.69 21.47 14.02
C LEU B 168 -4.09 20.18 13.43
N THR B 169 -3.09 20.33 12.56
CA THR B 169 -2.51 19.18 11.85
C THR B 169 -0.99 19.02 12.03
N SER B 170 -0.28 20.13 12.12
CA SER B 170 1.18 20.02 12.23
C SER B 170 1.67 20.12 13.67
N GLY B 171 2.54 19.18 14.03
CA GLY B 171 3.02 19.01 15.39
C GLY B 171 2.59 17.66 15.90
N VAL B 172 1.52 17.13 15.29
CA VAL B 172 0.91 15.87 15.70
C VAL B 172 1.84 14.71 15.42
N HIS B 173 2.05 13.86 16.43
CA HIS B 173 2.72 12.58 16.23
C HIS B 173 1.87 11.47 16.84
N THR B 174 1.26 10.65 16.00
CA THR B 174 0.44 9.57 16.51
C THR B 174 1.20 8.27 16.36
N PHE B 175 1.81 7.86 17.47
CA PHE B 175 2.64 6.67 17.55
C PHE B 175 1.96 5.36 17.15
N PRO B 176 2.76 4.38 16.65
CA PRO B 176 2.23 3.05 16.39
C PRO B 176 1.73 2.36 17.67
N ALA B 177 0.79 1.43 17.49
CA ALA B 177 0.15 0.75 18.62
C ALA B 177 1.09 -0.22 19.33
N VAL B 178 0.74 -0.58 20.56
CA VAL B 178 1.49 -1.55 21.33
C VAL B 178 0.60 -2.73 21.56
N LEU B 179 1.09 -3.92 21.24
CA LEU B 179 0.32 -5.12 21.53
C LEU B 179 0.70 -5.60 22.90
N GLN B 180 -0.24 -5.58 23.82
CA GLN B 180 0.03 -5.90 25.23
C GLN B 180 0.03 -7.42 25.51
N SER B 181 0.40 -7.80 26.72
CA SER B 181 0.27 -9.20 27.16
C SER B 181 -1.20 -9.61 27.09
N SER B 182 -2.06 -8.75 27.61
CA SER B 182 -3.52 -8.92 27.54
C SER B 182 -4.03 -9.22 26.13
N GLY B 183 -3.18 -9.00 25.14
CA GLY B 183 -3.61 -9.09 23.77
C GLY B 183 -4.65 -8.03 23.52
N LEU B 184 -4.37 -6.83 24.03
CA LEU B 184 -5.12 -5.63 23.68
C LEU B 184 -4.15 -4.56 23.17
N TYR B 185 -4.68 -3.57 22.46
CA TYR B 185 -3.84 -2.52 21.89
C TYR B 185 -3.85 -1.26 22.75
N SER B 186 -2.83 -0.43 22.55
CA SER B 186 -2.78 0.93 23.10
C SER B 186 -1.88 1.81 22.25
N LEU B 187 -2.34 3.03 21.96
CA LEU B 187 -1.49 4.01 21.30
C LEU B 187 -1.46 5.35 22.04
N SER B 188 -0.57 6.24 21.61
CA SER B 188 -0.47 7.60 22.15
C SER B 188 -0.39 8.62 21.02
N SER B 189 -1.10 9.73 21.14
CA SER B 189 -0.97 10.79 20.16
C SER B 189 -0.51 12.08 20.85
N VAL B 190 0.61 12.62 20.40
CA VAL B 190 1.21 13.83 20.99
C VAL B 190 1.29 14.97 20.01
N VAL B 191 0.71 16.09 20.40
CA VAL B 191 0.81 17.29 19.59
C VAL B 191 1.70 18.31 20.31
N THR B 192 2.42 19.09 19.50
CA THR B 192 3.30 20.12 20.00
C THR B 192 2.74 21.49 19.59
N VAL B 193 2.57 22.36 20.59
CA VAL B 193 1.85 23.64 20.43
C VAL B 193 2.51 24.75 21.25
N PRO B 194 2.40 26.01 20.78
CA PRO B 194 2.72 27.24 21.52
C PRO B 194 2.49 27.14 23.03
N SER B 195 3.52 27.44 23.81
CA SER B 195 3.45 27.45 25.28
C SER B 195 2.48 28.49 25.78
N SER B 196 2.44 29.63 25.09
CA SER B 196 1.63 30.78 25.49
C SER B 196 0.13 30.57 25.29
N SER B 197 -0.22 29.80 24.26
CA SER B 197 -1.61 29.56 23.88
C SER B 197 -2.36 28.60 24.81
N LEU B 198 -1.62 27.95 25.71
CA LEU B 198 -2.25 27.17 26.78
C LEU B 198 -3.01 28.13 27.70
N GLY B 199 -4.28 27.84 27.95
CA GLY B 199 -5.12 28.74 28.74
C GLY B 199 -5.96 29.66 27.87
N THR B 200 -5.80 29.53 26.56
CA THR B 200 -6.65 30.21 25.61
C THR B 200 -7.16 29.21 24.59
N GLN B 201 -6.22 28.60 23.86
CA GLN B 201 -6.57 27.60 22.85
C GLN B 201 -7.07 26.30 23.46
N THR B 202 -8.26 25.89 23.05
CA THR B 202 -8.82 24.63 23.50
C THR B 202 -8.15 23.53 22.71
N TYR B 203 -7.63 22.52 23.40
CA TYR B 203 -7.06 21.37 22.70
C TYR B 203 -7.88 20.10 22.92
N ILE B 204 -8.26 19.46 21.83
CA ILE B 204 -9.13 18.29 21.87
C ILE B 204 -8.65 17.24 20.90
N CYS B 205 -8.44 16.03 21.40
CA CYS B 205 -8.15 14.91 20.52
C CYS B 205 -9.45 14.19 20.20
N ASN B 206 -9.64 13.91 18.92
CA ASN B 206 -10.81 13.19 18.47
C ASN B 206 -10.33 11.79 18.23
N VAL B 207 -10.73 10.89 19.11
CA VAL B 207 -10.39 9.49 18.94
C VAL B 207 -11.53 8.82 18.23
N ASN B 208 -11.21 7.80 17.45
CA ASN B 208 -12.19 6.99 16.76
C ASN B 208 -11.81 5.51 16.70
N HIS B 209 -12.76 4.66 17.06
CA HIS B 209 -12.55 3.23 16.98
C HIS B 209 -13.70 2.65 16.14
N LYS B 210 -13.55 2.73 14.82
CA LYS B 210 -14.59 2.29 13.89
C LYS B 210 -15.06 0.84 14.07
N PRO B 211 -14.13 -0.10 14.41
CA PRO B 211 -14.51 -1.43 14.91
C PRO B 211 -15.65 -1.43 15.93
N SER B 212 -15.53 -0.65 17.01
CA SER B 212 -16.50 -0.69 18.11
C SER B 212 -17.57 0.38 17.99
N ASN B 213 -17.47 1.20 16.95
CA ASN B 213 -18.38 2.35 16.76
C ASN B 213 -18.39 3.26 17.97
N THR B 214 -17.18 3.60 18.45
CA THR B 214 -16.98 4.44 19.64
C THR B 214 -16.22 5.70 19.23
N LYS B 215 -16.57 6.84 19.83
CA LYS B 215 -15.86 8.09 19.57
C LYS B 215 -15.63 8.83 20.87
N VAL B 216 -14.43 9.37 21.04
CA VAL B 216 -14.16 10.21 22.21
C VAL B 216 -13.50 11.50 21.79
N ASP B 217 -14.02 12.61 22.28
CA ASP B 217 -13.36 13.88 22.10
C ASP B 217 -12.82 14.33 23.44
N LYS B 218 -11.63 13.83 23.80
CA LYS B 218 -11.01 14.21 25.06
C LYS B 218 -10.39 15.60 24.96
N LYS B 219 -10.78 16.47 25.88
CA LYS B 219 -10.20 17.79 26.04
C LYS B 219 -8.95 17.62 26.91
N VAL B 220 -7.84 18.22 26.51
CA VAL B 220 -6.61 18.13 27.29
C VAL B 220 -6.29 19.48 27.92
N GLU B 221 -6.39 19.56 29.25
CA GLU B 221 -6.11 20.81 29.96
C GLU B 221 -4.80 20.76 30.73
N PRO B 222 -4.17 21.94 30.94
CA PRO B 222 -3.00 22.13 31.82
C PRO B 222 -3.20 21.62 33.25
N LYS B 223 -2.12 21.12 33.86
CA LYS B 223 -2.14 20.58 35.22
C LYS B 223 -1.80 21.65 36.28
N VAL C 4 -16.08 4.17 -24.16
CA VAL C 4 -16.55 3.64 -25.47
C VAL C 4 -16.58 2.11 -25.42
N PRO C 5 -17.76 1.49 -25.59
CA PRO C 5 -17.89 0.03 -25.51
C PRO C 5 -17.11 -0.70 -26.64
N PRO C 6 -16.87 -2.02 -26.47
CA PRO C 6 -16.02 -2.79 -27.39
C PRO C 6 -16.72 -3.39 -28.62
N SER C 7 -16.20 -3.06 -29.80
CA SER C 7 -16.58 -3.75 -31.02
C SER C 7 -16.36 -5.25 -30.80
N THR C 8 -17.37 -6.04 -31.13
CA THR C 8 -17.37 -7.48 -30.85
C THR C 8 -16.22 -8.21 -31.55
N ALA C 9 -16.01 -7.86 -32.82
CA ALA C 9 -14.93 -8.41 -33.62
C ALA C 9 -13.57 -7.95 -33.11
N LEU C 10 -13.57 -6.79 -32.45
CA LEU C 10 -12.35 -6.16 -31.97
C LEU C 10 -11.82 -6.83 -30.72
N ARG C 11 -12.69 -7.05 -29.72
CA ARG C 11 -12.22 -7.67 -28.47
C ARG C 11 -11.81 -9.12 -28.69
N GLU C 12 -12.37 -9.72 -29.74
CA GLU C 12 -11.93 -11.03 -30.19
C GLU C 12 -10.46 -11.00 -30.62
N LEU C 13 -10.07 -9.93 -31.30
CA LEU C 13 -8.68 -9.73 -31.72
C LEU C 13 -7.79 -9.45 -30.52
N ILE C 14 -8.27 -8.62 -29.60
CA ILE C 14 -7.52 -8.30 -28.39
C ILE C 14 -7.23 -9.56 -27.59
N GLU C 15 -8.24 -10.41 -27.42
CA GLU C 15 -8.09 -11.70 -26.75
C GLU C 15 -7.03 -12.60 -27.39
N GLU C 16 -7.10 -12.71 -28.71
CA GLU C 16 -6.20 -13.61 -29.44
C GLU C 16 -4.78 -13.09 -29.31
N LEU C 17 -4.61 -11.78 -29.49
CA LEU C 17 -3.32 -11.16 -29.27
C LEU C 17 -2.79 -11.51 -27.89
N VAL C 18 -3.62 -11.29 -26.86
CA VAL C 18 -3.27 -11.61 -25.46
C VAL C 18 -2.77 -13.04 -25.33
N ASN C 19 -3.54 -13.97 -25.89
CA ASN C 19 -3.18 -15.38 -25.85
C ASN C 19 -1.74 -15.60 -26.33
N ILE C 20 -1.51 -15.35 -27.62
CA ILE C 20 -0.21 -15.61 -28.24
C ILE C 20 0.95 -14.84 -27.59
N THR C 21 0.68 -13.67 -27.02
CA THR C 21 1.73 -12.97 -26.24
C THR C 21 1.96 -13.65 -24.91
N GLN C 22 0.87 -14.04 -24.25
CA GLN C 22 0.96 -14.64 -22.94
C GLN C 22 1.39 -16.10 -23.01
N ASN C 23 0.72 -16.87 -23.86
CA ASN C 23 0.83 -18.33 -23.87
C ASN C 23 2.04 -18.94 -24.58
N GLN C 24 2.58 -18.23 -25.56
CA GLN C 24 3.65 -18.79 -26.37
C GLN C 24 4.96 -18.96 -25.61
N LYS C 25 5.41 -20.22 -25.55
CA LYS C 25 6.55 -20.69 -24.74
C LYS C 25 7.90 -20.14 -25.23
N ALA C 26 8.38 -20.69 -26.34
CA ALA C 26 9.60 -20.22 -27.00
C ALA C 26 9.38 -18.83 -27.63
N PRO C 27 10.39 -18.26 -28.34
CA PRO C 27 10.09 -17.03 -29.10
C PRO C 27 8.97 -17.21 -30.15
N LEU C 28 8.34 -16.10 -30.51
CA LEU C 28 7.24 -16.14 -31.46
C LEU C 28 7.77 -16.08 -32.89
N CYS C 29 7.49 -17.15 -33.64
CA CYS C 29 7.93 -17.30 -35.03
C CYS C 29 9.46 -17.37 -35.16
N ASN C 30 10.11 -17.70 -34.05
CA ASN C 30 11.54 -17.99 -33.99
C ASN C 30 12.47 -17.07 -34.79
N GLY C 31 12.79 -15.90 -34.22
CA GLY C 31 13.71 -14.96 -34.85
C GLY C 31 13.25 -14.46 -36.20
N SER C 32 11.94 -14.29 -36.34
CA SER C 32 11.37 -13.61 -37.49
C SER C 32 11.25 -12.14 -37.09
N MET C 33 11.79 -11.25 -37.91
CA MET C 33 11.74 -9.83 -37.56
C MET C 33 10.98 -8.98 -38.56
N VAL C 34 9.97 -8.28 -38.03
CA VAL C 34 9.02 -7.55 -38.84
C VAL C 34 9.07 -6.04 -38.63
N TRP C 35 8.28 -5.33 -39.41
CA TRP C 35 8.25 -3.86 -39.35
C TRP C 35 7.33 -3.36 -38.25
N SER C 36 7.83 -2.39 -37.49
CA SER C 36 7.06 -1.76 -36.43
C SER C 36 5.96 -0.87 -37.02
N ILE C 37 5.02 -0.48 -36.17
CA ILE C 37 3.88 0.35 -36.55
C ILE C 37 3.63 1.45 -35.53
N ASN C 38 2.76 2.40 -35.89
CA ASN C 38 2.41 3.51 -35.02
C ASN C 38 0.90 3.68 -34.94
N LEU C 39 0.41 4.21 -33.82
CA LEU C 39 -1.03 4.42 -33.63
C LEU C 39 -1.48 5.52 -34.59
N THR C 40 -1.76 5.12 -35.84
CA THR C 40 -1.78 6.10 -36.93
C THR C 40 -3.05 6.21 -37.80
N ALA C 41 -3.23 5.34 -38.81
CA ALA C 41 -4.37 5.45 -39.71
C ALA C 41 -4.66 4.13 -40.43
N GLY C 42 -3.75 3.73 -41.33
CA GLY C 42 -3.85 2.42 -41.96
C GLY C 42 -3.37 1.34 -41.00
N MET C 43 -3.45 1.62 -39.70
CA MET C 43 -2.83 0.81 -38.66
C MET C 43 -3.09 -0.68 -38.82
N TYR C 44 -4.35 -1.07 -38.98
CA TYR C 44 -4.64 -2.48 -39.11
C TYR C 44 -3.92 -3.04 -40.33
N CYS C 45 -4.15 -2.43 -41.50
CA CYS C 45 -3.52 -2.88 -42.74
C CYS C 45 -2.02 -2.95 -42.55
N ALA C 46 -1.45 -1.83 -42.10
CA ALA C 46 -0.04 -1.78 -41.74
C ALA C 46 0.39 -3.03 -40.98
N ALA C 47 -0.31 -3.32 -39.89
CA ALA C 47 -0.05 -4.50 -39.08
C ALA C 47 -0.16 -5.75 -39.94
N LEU C 48 -1.29 -5.88 -40.62
CA LEU C 48 -1.56 -6.99 -41.51
C LEU C 48 -0.42 -7.14 -42.50
N GLU C 49 -0.06 -6.04 -43.18
CA GLU C 49 1.03 -6.12 -44.14
C GLU C 49 2.31 -6.59 -43.45
N SER C 50 2.58 -6.05 -42.26
CA SER C 50 3.82 -6.32 -41.57
C SER C 50 3.91 -7.79 -41.19
N LEU C 51 2.79 -8.36 -40.75
CA LEU C 51 2.77 -9.79 -40.44
C LEU C 51 2.81 -10.62 -41.71
N ILE C 52 1.97 -10.24 -42.67
CA ILE C 52 1.74 -11.01 -43.90
C ILE C 52 2.99 -11.69 -44.47
N ASN C 53 4.15 -11.11 -44.18
CA ASN C 53 5.42 -11.53 -44.75
C ASN C 53 6.03 -12.78 -44.11
N VAL C 54 5.97 -12.88 -42.79
CA VAL C 54 6.43 -14.10 -42.09
C VAL C 54 5.61 -15.27 -42.60
N SER C 55 6.29 -16.27 -43.14
CA SER C 55 5.63 -17.44 -43.72
C SER C 55 5.76 -18.72 -42.87
N GLY C 56 6.91 -18.88 -42.22
CA GLY C 56 7.20 -20.11 -41.47
C GLY C 56 6.37 -20.34 -40.22
N CYS C 57 5.50 -19.37 -39.89
CA CYS C 57 4.87 -19.31 -38.55
C CYS C 57 3.36 -19.49 -38.58
N SER C 58 2.87 -20.44 -37.79
CA SER C 58 1.45 -20.71 -37.72
C SER C 58 0.77 -19.91 -36.63
N ALA C 59 1.52 -19.55 -35.59
CA ALA C 59 0.97 -18.88 -34.41
C ALA C 59 0.27 -17.56 -34.76
N ILE C 60 0.71 -16.97 -35.87
CA ILE C 60 0.24 -15.67 -36.31
C ILE C 60 -0.96 -15.70 -37.27
N GLU C 61 -1.22 -16.88 -37.86
CA GLU C 61 -2.23 -17.02 -38.93
C GLU C 61 -3.63 -16.60 -38.52
N LYS C 62 -4.01 -16.90 -37.28
CA LYS C 62 -5.31 -16.48 -36.78
C LYS C 62 -5.33 -14.97 -36.68
N THR C 63 -4.33 -14.42 -35.99
CA THR C 63 -4.15 -12.98 -35.87
C THR C 63 -4.25 -12.30 -37.22
N GLN C 64 -3.54 -12.85 -38.21
CA GLN C 64 -3.56 -12.32 -39.57
C GLN C 64 -4.98 -12.27 -40.11
N ARG C 65 -5.66 -13.42 -40.04
CA ARG C 65 -7.07 -13.51 -40.46
C ARG C 65 -7.88 -12.45 -39.74
N MET C 66 -7.80 -12.47 -38.41
CA MET C 66 -8.48 -11.50 -37.57
C MET C 66 -8.32 -10.09 -38.13
N LEU C 67 -7.07 -9.71 -38.34
CA LEU C 67 -6.70 -8.41 -38.90
C LEU C 67 -7.31 -8.15 -40.27
N SER C 68 -7.50 -9.23 -41.05
CA SER C 68 -7.98 -9.15 -42.43
C SER C 68 -9.36 -8.49 -42.51
N GLY C 69 -10.24 -8.84 -41.57
CA GLY C 69 -11.57 -8.25 -41.46
C GLY C 69 -11.51 -6.75 -41.26
N PHE C 70 -10.46 -6.28 -40.58
CA PHE C 70 -10.27 -4.86 -40.27
C PHE C 70 -9.76 -4.01 -41.44
N CYS C 71 -9.01 -4.62 -42.35
CA CYS C 71 -8.50 -3.90 -43.52
C CYS C 71 -9.45 -3.97 -44.73
N PRO C 72 -9.89 -2.80 -45.23
CA PRO C 72 -10.90 -2.63 -46.27
C PRO C 72 -10.45 -3.09 -47.66
N HIS C 73 -9.13 -3.18 -47.87
CA HIS C 73 -8.56 -3.64 -49.15
C HIS C 73 -7.63 -4.85 -48.99
N LYS C 74 -7.24 -5.45 -50.12
CA LYS C 74 -6.42 -6.65 -50.09
C LYS C 74 -4.95 -6.35 -49.93
N VAL C 75 -4.36 -7.00 -48.94
CA VAL C 75 -2.93 -6.89 -48.67
C VAL C 75 -2.24 -8.16 -49.15
N SER C 76 -1.24 -7.98 -50.02
CA SER C 76 -0.49 -9.10 -50.58
C SER C 76 0.97 -9.10 -50.13
N ALA C 77 1.46 -10.29 -49.77
CA ALA C 77 2.82 -10.48 -49.28
C ALA C 77 3.90 -10.07 -50.29
N GLY C 78 4.96 -9.45 -49.79
CA GLY C 78 6.10 -9.06 -50.62
C GLY C 78 5.86 -7.88 -51.55
N GLN C 79 4.96 -6.99 -51.18
CA GLN C 79 4.78 -5.72 -51.91
C GLN C 79 5.98 -4.82 -51.66
N PHE C 80 7.09 -5.17 -52.32
CA PHE C 80 8.41 -4.55 -52.17
C PHE C 80 8.37 -3.03 -52.35
N SER C 81 8.64 -2.29 -51.27
CA SER C 81 8.52 -0.82 -51.24
C SER C 81 9.35 -0.10 -50.16
N SER C 82 9.56 1.20 -50.36
CA SER C 82 10.23 2.04 -49.36
C SER C 82 9.21 2.83 -48.53
N LEU C 83 8.27 2.09 -47.93
CA LEU C 83 7.18 2.68 -47.14
C LEU C 83 7.39 2.50 -45.65
N HIS C 84 8.44 1.76 -45.28
CA HIS C 84 8.80 1.61 -43.88
C HIS C 84 9.93 2.56 -43.53
N VAL C 85 9.98 3.64 -44.29
CA VAL C 85 10.93 4.73 -44.11
C VAL C 85 10.98 5.23 -42.65
N ARG C 86 9.83 5.26 -41.99
CA ARG C 86 9.72 5.77 -40.62
C ARG C 86 9.70 4.66 -39.58
N ASP C 87 9.48 3.44 -40.03
CA ASP C 87 9.40 2.28 -39.15
C ASP C 87 10.76 1.59 -38.99
N THR C 88 10.84 0.67 -38.05
CA THR C 88 12.08 -0.05 -37.77
C THR C 88 11.81 -1.54 -37.54
N LYS C 89 12.80 -2.38 -37.79
CA LYS C 89 12.60 -3.84 -37.72
C LYS C 89 12.66 -4.36 -36.29
N ILE C 90 11.65 -5.12 -35.89
CA ILE C 90 11.55 -5.64 -34.53
C ILE C 90 11.08 -7.09 -34.47
N GLU C 91 11.33 -7.75 -33.34
CA GLU C 91 10.90 -9.13 -33.12
C GLU C 91 9.38 -9.24 -33.07
N VAL C 92 8.84 -10.26 -33.72
CA VAL C 92 7.38 -10.47 -33.81
C VAL C 92 6.72 -10.43 -32.42
N ALA C 93 7.33 -11.12 -31.45
CA ALA C 93 6.87 -11.11 -30.06
C ALA C 93 6.55 -9.69 -29.61
N GLN C 94 7.57 -8.82 -29.67
CA GLN C 94 7.44 -7.42 -29.30
C GLN C 94 6.42 -6.68 -30.18
N PHE C 95 6.39 -7.03 -31.46
CA PHE C 95 5.43 -6.42 -32.40
C PHE C 95 4.01 -6.65 -31.94
N VAL C 96 3.69 -7.92 -31.69
CA VAL C 96 2.37 -8.33 -31.24
C VAL C 96 1.94 -7.54 -30.01
N LYS C 97 2.79 -7.58 -28.99
CA LYS C 97 2.56 -6.88 -27.72
C LYS C 97 2.20 -5.41 -27.91
N ASP C 98 3.02 -4.68 -28.66
CA ASP C 98 2.77 -3.28 -28.97
C ASP C 98 1.36 -3.12 -29.46
N LEU C 99 1.03 -3.85 -30.53
CA LEU C 99 -0.30 -3.83 -31.12
C LEU C 99 -1.36 -3.97 -30.05
N LEU C 100 -1.23 -5.01 -29.24
CA LEU C 100 -2.12 -5.26 -28.12
C LEU C 100 -2.27 -4.01 -27.25
N LEU C 101 -1.17 -3.50 -26.72
CA LEU C 101 -1.21 -2.30 -25.88
C LEU C 101 -2.01 -1.18 -26.55
N HIS C 102 -1.61 -0.84 -27.78
CA HIS C 102 -2.28 0.20 -28.56
C HIS C 102 -3.80 -0.02 -28.60
N LEU C 103 -4.20 -1.25 -28.93
CA LEU C 103 -5.60 -1.64 -28.91
C LEU C 103 -6.20 -1.55 -27.51
N LYS C 104 -5.49 -2.10 -26.53
CA LYS C 104 -5.85 -2.00 -25.12
C LYS C 104 -6.16 -0.56 -24.75
N LYS C 105 -5.28 0.35 -25.15
CA LYS C 105 -5.31 1.76 -24.77
C LYS C 105 -6.55 2.50 -25.26
N LEU C 106 -7.09 2.05 -26.39
CA LEU C 106 -8.27 2.68 -26.97
C LEU C 106 -9.44 2.65 -26.00
N PHE C 107 -9.34 1.77 -25.00
CA PHE C 107 -10.43 1.51 -24.07
C PHE C 107 -10.11 1.92 -22.63
N ARG C 108 -9.01 2.67 -22.47
CA ARG C 108 -8.67 3.29 -21.19
C ARG C 108 -9.27 4.69 -21.15
N GLU C 109 -10.41 4.82 -20.48
CA GLU C 109 -11.12 6.09 -20.44
C GLU C 109 -10.65 6.93 -19.24
#